data_4QCB
#
_entry.id   4QCB
#
_cell.length_a   39.389
_cell.length_b   92.327
_cell.length_c   142.859
_cell.angle_alpha   90.00
_cell.angle_beta   90.00
_cell.angle_gamma   90.00
#
_symmetry.space_group_name_H-M   'P 21 21 21'
#
loop_
_entity.id
_entity.type
_entity.pdbx_description
1 polymer 'Uracil-DNA glycosylase'
2 polymer "5'-D(*GP*CP*AP*AP*AP*CP*GP*TP*TP*TP*GP*C)-3'"
3 non-polymer GLYCEROL
4 water water
#
loop_
_entity_poly.entity_id
_entity_poly.type
_entity_poly.pdbx_seq_one_letter_code
_entity_poly.pdbx_strand_id
1 'polypeptide(L)'
;GSHMNSVTVSHAPYTITYHNDWEPVMSQLVEFYNEVASWLLRDETSPIPDKFFIQLKQPLRNKRVCVCGIDPYPKDGTGV
PFESPNFTKKSIKEIASSISRLTGVIDYKGYNLNIIDGVIPWNYYLSCKLGETKSHAIYWDKISKLLLQHITKHVSVLYC
LGKTDFSNIRAKLESPVTTIVGYHPAARDRQFEKDRSFEIINVLLELDNKAPINWAQGFIY
;
A,B
2 'polydeoxyribonucleotide' (DG)(DC)(DA)(DA)(DA)(DC)(DG)(DT)(DT)(DT)(DG)(DC) C,D
#
loop_
_chem_comp.id
_chem_comp.type
_chem_comp.name
_chem_comp.formula
DA DNA linking 2'-DEOXYADENOSINE-5'-MONOPHOSPHATE 'C10 H14 N5 O6 P'
DC DNA linking 2'-DEOXYCYTIDINE-5'-MONOPHOSPHATE 'C9 H14 N3 O7 P'
DG DNA linking 2'-DEOXYGUANOSINE-5'-MONOPHOSPHATE 'C10 H14 N5 O7 P'
DT DNA linking THYMIDINE-5'-MONOPHOSPHATE 'C10 H15 N2 O8 P'
GOL non-polymer GLYCEROL 'C3 H8 O3'
#
# COMPACT_ATOMS: atom_id res chain seq x y z
N MET A 4 -22.34 -25.21 13.33
CA MET A 4 -21.38 -24.18 13.85
C MET A 4 -20.24 -24.83 14.64
N ASN A 5 -19.02 -24.51 14.27
CA ASN A 5 -17.82 -24.90 15.01
C ASN A 5 -17.09 -23.68 15.60
N SER A 6 -15.92 -23.93 16.19
CA SER A 6 -15.13 -22.87 16.79
C SER A 6 -13.67 -23.28 16.86
N VAL A 7 -12.75 -22.33 16.65
CA VAL A 7 -11.33 -22.58 16.86
C VAL A 7 -10.70 -21.52 17.73
N THR A 8 -9.52 -21.85 18.28
CA THR A 8 -8.77 -20.92 19.11
C THR A 8 -7.63 -20.32 18.30
N VAL A 9 -7.46 -19.01 18.49
CA VAL A 9 -6.29 -18.27 18.01
C VAL A 9 -5.57 -17.56 19.16
N SER A 10 -4.27 -17.34 18.95
CA SER A 10 -3.40 -16.80 19.99
C SER A 10 -3.78 -15.40 20.49
N HIS A 11 -4.08 -14.49 19.57
CA HIS A 11 -4.43 -13.10 19.91
C HIS A 11 -5.91 -12.86 19.74
N ALA A 12 -6.35 -11.64 20.01
CA ALA A 12 -7.75 -11.28 19.84
C ALA A 12 -8.23 -11.56 18.42
N PRO A 13 -9.46 -12.06 18.23
CA PRO A 13 -10.46 -12.25 19.29
C PRO A 13 -10.46 -13.61 19.98
N TYR A 14 -9.35 -14.35 19.90
CA TYR A 14 -9.10 -15.56 20.72
C TYR A 14 -9.90 -16.79 20.29
N THR A 15 -11.19 -16.59 20.08
CA THR A 15 -12.10 -17.61 19.60
C THR A 15 -12.67 -17.19 18.27
N ILE A 16 -12.55 -18.06 17.27
CA ILE A 16 -13.19 -17.81 15.97
C ILE A 16 -14.28 -18.83 15.71
N THR A 17 -15.52 -18.36 15.69
CA THR A 17 -16.67 -19.20 15.45
C THR A 17 -17.04 -19.22 13.97
N TYR A 18 -17.09 -20.41 13.39
CA TYR A 18 -17.31 -20.57 11.95
C TYR A 18 -18.37 -21.63 11.63
N HIS A 19 -19.01 -21.48 10.47
CA HIS A 19 -19.94 -22.46 9.93
C HIS A 19 -19.20 -23.61 9.23
N ASN A 20 -19.71 -24.82 9.38
CA ASN A 20 -19.03 -26.05 8.91
C ASN A 20 -18.41 -25.93 7.51
N ASP A 21 -19.16 -25.37 6.58
CA ASP A 21 -18.70 -25.14 5.20
C ASP A 21 -17.29 -24.58 5.08
N TRP A 22 -16.86 -23.81 6.07
CA TRP A 22 -15.52 -23.22 6.09
C TRP A 22 -14.43 -24.12 6.69
N GLU A 23 -14.82 -25.27 7.20
CA GLU A 23 -13.89 -26.17 7.86
C GLU A 23 -12.61 -26.32 7.08
N PRO A 24 -12.69 -26.72 5.80
CA PRO A 24 -11.49 -27.05 5.02
C PRO A 24 -10.39 -26.00 5.07
N VAL A 25 -10.73 -24.80 5.52
CA VAL A 25 -9.89 -23.62 5.40
C VAL A 25 -9.37 -23.10 6.75
N MET A 26 -10.04 -23.46 7.84
CA MET A 26 -9.75 -22.89 9.15
C MET A 26 -8.35 -23.17 9.65
N SER A 27 -7.95 -24.44 9.60
CA SER A 27 -6.62 -24.85 10.05
C SER A 27 -5.57 -23.87 9.59
N GLN A 28 -5.63 -23.53 8.31
CA GLN A 28 -4.63 -22.66 7.72
C GLN A 28 -4.89 -21.19 7.98
N LEU A 29 -6.15 -20.80 8.09
CA LEU A 29 -6.51 -19.44 8.51
C LEU A 29 -5.91 -19.11 9.88
N VAL A 30 -5.89 -20.10 10.76
CA VAL A 30 -5.32 -19.97 12.11
C VAL A 30 -3.80 -19.80 12.07
N GLU A 31 -3.10 -20.72 11.41
CA GLU A 31 -1.68 -20.55 11.13
C GLU A 31 -1.41 -19.09 10.75
N PHE A 32 -2.15 -18.59 9.76
CA PHE A 32 -1.91 -17.26 9.19
C PHE A 32 -2.21 -16.12 10.14
N TYR A 33 -3.40 -16.15 10.74
CA TYR A 33 -3.81 -15.10 11.67
C TYR A 33 -2.86 -14.97 12.86
N ASN A 34 -2.38 -16.11 13.36
CA ASN A 34 -1.42 -16.12 14.45
C ASN A 34 -0.10 -15.42 14.08
N GLU A 35 0.34 -15.56 12.83
CA GLU A 35 1.54 -14.85 12.37
C GLU A 35 1.35 -13.34 12.34
N VAL A 36 0.13 -12.89 12.08
CA VAL A 36 -0.10 -11.51 11.72
C VAL A 36 -0.85 -10.67 12.76
N ALA A 37 -1.77 -11.26 13.49
CA ALA A 37 -2.61 -10.51 14.44
C ALA A 37 -1.78 -9.55 15.29
N SER A 38 -0.61 -10.03 15.71
CA SER A 38 0.37 -9.30 16.52
C SER A 38 0.47 -7.81 16.22
N TRP A 39 0.58 -7.50 14.93
CA TRP A 39 0.75 -6.13 14.43
C TRP A 39 -0.58 -5.47 14.19
N LEU A 40 -1.42 -6.16 13.42
CA LEU A 40 -2.77 -5.71 13.05
C LEU A 40 -3.48 -5.04 14.23
N LEU A 41 -3.52 -5.77 15.35
CA LEU A 41 -4.23 -5.36 16.57
C LEU A 41 -3.66 -4.13 17.27
N ARG A 42 -2.42 -3.77 16.93
CA ARG A 42 -1.79 -2.52 17.39
C ARG A 42 -2.43 -1.28 16.79
N ASP A 43 -3.12 -1.43 15.67
CA ASP A 43 -3.97 -0.37 15.14
C ASP A 43 -5.40 -0.53 15.63
N GLU A 44 -6.04 0.58 15.92
CA GLU A 44 -7.47 0.60 16.19
C GLU A 44 -8.14 0.28 14.86
N THR A 45 -9.08 -0.64 14.84
CA THR A 45 -9.59 -1.15 13.57
C THR A 45 -11.06 -0.87 13.30
N SER A 46 -11.43 -0.95 12.02
CA SER A 46 -12.81 -1.18 11.60
C SER A 46 -12.81 -2.50 10.82
N PRO A 47 -13.66 -3.45 11.18
CA PRO A 47 -14.52 -3.41 12.35
C PRO A 47 -13.71 -3.69 13.64
N ILE A 48 -14.38 -3.85 14.77
CA ILE A 48 -13.69 -4.28 16.00
C ILE A 48 -13.25 -5.75 15.84
N PRO A 49 -12.12 -6.13 16.45
CA PRO A 49 -11.60 -7.49 16.31
C PRO A 49 -12.62 -8.60 16.55
N ASP A 50 -13.51 -8.41 17.52
CA ASP A 50 -14.56 -9.40 17.77
C ASP A 50 -15.42 -9.65 16.54
N LYS A 51 -15.54 -8.63 15.68
CA LYS A 51 -16.34 -8.75 14.48
C LYS A 51 -15.55 -9.11 13.22
N PHE A 52 -14.23 -9.25 13.29
CA PHE A 52 -13.44 -9.58 12.07
C PHE A 52 -14.07 -10.72 11.29
N PHE A 53 -14.31 -11.83 11.98
CA PHE A 53 -14.64 -13.09 11.33
C PHE A 53 -16.08 -13.51 11.41
N ILE A 54 -17.01 -12.62 11.78
CA ILE A 54 -18.40 -13.06 12.00
C ILE A 54 -19.09 -13.55 10.72
N GLN A 55 -18.56 -13.14 9.56
CA GLN A 55 -19.13 -13.60 8.29
C GLN A 55 -18.75 -15.06 7.95
N LEU A 56 -17.84 -15.65 8.71
CA LEU A 56 -17.60 -17.10 8.60
C LEU A 56 -18.71 -17.88 9.31
N LYS A 57 -19.59 -17.19 10.05
CA LYS A 57 -20.76 -17.85 10.62
C LYS A 57 -21.78 -18.16 9.52
N GLN A 58 -21.58 -17.55 8.36
CA GLN A 58 -22.45 -17.70 7.20
C GLN A 58 -22.20 -19.00 6.42
N PRO A 59 -23.27 -19.74 6.05
CA PRO A 59 -23.08 -20.93 5.22
C PRO A 59 -22.77 -20.57 3.78
N LEU A 60 -22.07 -21.48 3.08
CA LEU A 60 -21.72 -21.29 1.66
C LEU A 60 -22.50 -22.20 0.74
N ARG A 61 -22.80 -23.40 1.24
CA ARG A 61 -23.61 -24.39 0.52
C ARG A 61 -24.80 -23.80 -0.26
N ASN A 62 -25.48 -22.84 0.34
CA ASN A 62 -26.66 -22.23 -0.27
C ASN A 62 -26.38 -20.88 -0.89
N LYS A 63 -25.17 -20.69 -1.39
CA LYS A 63 -24.80 -19.42 -2.00
C LYS A 63 -24.38 -19.66 -3.43
N ARG A 64 -24.81 -18.77 -4.32
CA ARG A 64 -24.43 -18.83 -5.74
C ARG A 64 -23.87 -17.51 -6.31
N VAL A 65 -23.97 -16.42 -5.56
CA VAL A 65 -23.32 -15.17 -5.94
C VAL A 65 -22.50 -14.70 -4.75
N CYS A 66 -21.37 -14.10 -5.07
CA CYS A 66 -20.58 -13.36 -4.09
C CYS A 66 -20.43 -11.93 -4.58
N VAL A 67 -20.90 -10.99 -3.76
CA VAL A 67 -20.72 -9.57 -4.03
C VAL A 67 -19.59 -9.08 -3.15
N CYS A 68 -18.52 -8.64 -3.80
CA CYS A 68 -17.26 -8.45 -3.12
C CYS A 68 -16.74 -7.04 -3.26
N GLY A 69 -16.37 -6.46 -2.13
CA GLY A 69 -15.66 -5.19 -2.06
C GLY A 69 -14.30 -5.37 -1.42
N ILE A 70 -13.44 -4.36 -1.53
CA ILE A 70 -12.04 -4.54 -1.20
C ILE A 70 -11.75 -4.73 0.29
N ASP A 71 -12.41 -3.96 1.15
CA ASP A 71 -12.19 -4.05 2.59
C ASP A 71 -13.33 -3.33 3.32
N PRO A 72 -13.36 -3.42 4.66
CA PRO A 72 -14.49 -2.77 5.33
C PRO A 72 -14.56 -1.27 5.14
N TYR A 73 -15.63 -0.67 5.65
CA TYR A 73 -15.80 0.76 5.63
C TYR A 73 -14.70 1.31 6.53
N PRO A 74 -14.08 2.43 6.15
CA PRO A 74 -13.02 2.98 6.99
C PRO A 74 -13.41 3.08 8.47
N LYS A 75 -14.63 3.53 8.72
CA LYS A 75 -15.16 3.62 10.08
C LYS A 75 -16.55 2.98 10.16
N ASP A 76 -16.82 2.35 11.30
CA ASP A 76 -18.14 1.79 11.62
C ASP A 76 -18.44 0.42 10.98
N GLY A 77 -17.42 -0.27 10.48
CA GLY A 77 -17.60 -1.63 9.99
C GLY A 77 -18.24 -2.50 11.08
N THR A 78 -19.18 -3.33 10.67
CA THR A 78 -19.93 -4.19 11.61
C THR A 78 -19.44 -5.64 11.59
N GLY A 79 -18.56 -5.96 10.63
CA GLY A 79 -18.13 -7.34 10.42
C GLY A 79 -18.94 -8.03 9.33
N VAL A 80 -20.11 -7.48 9.03
CA VAL A 80 -20.89 -7.90 7.86
C VAL A 80 -20.60 -6.94 6.71
N PRO A 81 -20.01 -7.46 5.61
CA PRO A 81 -19.69 -6.57 4.49
C PRO A 81 -20.91 -5.81 3.96
N PHE A 82 -20.68 -4.53 3.70
CA PHE A 82 -21.62 -3.60 3.09
C PHE A 82 -22.72 -3.08 4.03
N GLU A 83 -22.94 -3.79 5.13
CA GLU A 83 -23.97 -3.43 6.12
C GLU A 83 -23.76 -2.06 6.77
N SER A 84 -24.75 -1.19 6.60
CA SER A 84 -24.90 0.06 7.35
C SER A 84 -26.27 0.07 8.03
N PRO A 85 -26.35 -0.39 9.29
CA PRO A 85 -27.60 -0.48 10.04
C PRO A 85 -28.44 0.79 10.04
N ASN A 86 -27.81 1.95 10.20
CA ASN A 86 -28.51 3.24 10.14
C ASN A 86 -28.60 3.80 8.72
N PHE A 87 -28.28 2.97 7.74
CA PHE A 87 -28.34 3.36 6.35
C PHE A 87 -27.74 4.75 6.08
N THR A 88 -26.49 4.93 6.50
CA THR A 88 -25.78 6.18 6.30
C THR A 88 -24.59 6.09 5.34
N LYS A 89 -24.17 4.87 5.00
CA LYS A 89 -22.94 4.68 4.21
C LYS A 89 -23.23 4.84 2.75
N LYS A 90 -22.34 5.53 2.06
CA LYS A 90 -22.57 5.86 0.66
C LYS A 90 -22.72 4.62 -0.23
N SER A 91 -21.92 3.59 0.05
CA SER A 91 -21.82 2.45 -0.86
C SER A 91 -23.10 1.63 -0.86
N ILE A 92 -23.63 1.33 0.32
CA ILE A 92 -24.87 0.55 0.41
C ILE A 92 -26.09 1.34 -0.08
N LYS A 93 -26.06 2.65 0.12
CA LYS A 93 -27.13 3.52 -0.37
C LYS A 93 -27.20 3.52 -1.88
N GLU A 94 -26.03 3.56 -2.53
CA GLU A 94 -25.95 3.54 -3.98
C GLU A 94 -26.38 2.19 -4.53
N ILE A 95 -25.93 1.13 -3.90
CA ILE A 95 -26.37 -0.21 -4.26
C ILE A 95 -27.89 -0.25 -4.22
N ALA A 96 -28.47 0.37 -3.19
CA ALA A 96 -29.91 0.36 -2.99
C ALA A 96 -30.69 1.17 -4.03
N SER A 97 -30.17 2.33 -4.40
CA SER A 97 -30.76 3.06 -5.53
C SER A 97 -30.73 2.19 -6.77
N SER A 98 -29.63 1.51 -6.99
CA SER A 98 -29.49 0.67 -8.14
C SER A 98 -30.62 -0.37 -8.13
N ILE A 99 -30.71 -1.11 -7.03
CA ILE A 99 -31.70 -2.17 -6.91
C ILE A 99 -33.11 -1.59 -6.99
N SER A 100 -33.28 -0.38 -6.47
CA SER A 100 -34.57 0.31 -6.57
C SER A 100 -34.99 0.39 -8.02
N ARG A 101 -34.09 0.87 -8.86
CA ARG A 101 -34.42 1.12 -10.26
C ARG A 101 -34.66 -0.15 -11.06
N LEU A 102 -33.94 -1.22 -10.75
CA LEU A 102 -34.22 -2.50 -11.42
C LEU A 102 -35.57 -3.02 -10.99
N THR A 103 -35.78 -3.16 -9.68
CA THR A 103 -36.99 -3.80 -9.17
C THR A 103 -38.21 -2.93 -9.24
N GLY A 104 -38.01 -1.61 -9.20
CA GLY A 104 -39.11 -0.66 -9.12
C GLY A 104 -39.52 -0.26 -7.71
N VAL A 105 -39.03 -0.98 -6.68
CA VAL A 105 -39.34 -0.64 -5.29
C VAL A 105 -38.70 0.71 -4.91
N ILE A 106 -39.52 1.70 -4.57
CA ILE A 106 -39.01 3.05 -4.32
C ILE A 106 -39.25 3.54 -2.90
N ASP A 107 -40.04 2.82 -2.11
CA ASP A 107 -40.31 3.24 -0.73
C ASP A 107 -39.74 2.22 0.24
N TYR A 108 -38.46 2.38 0.54
CA TYR A 108 -37.76 1.51 1.48
C TYR A 108 -37.10 2.38 2.52
N LYS A 109 -36.55 1.75 3.55
CA LYS A 109 -35.85 2.47 4.62
C LYS A 109 -34.34 2.18 4.64
N GLY A 110 -33.97 0.96 4.32
CA GLY A 110 -32.57 0.60 4.22
C GLY A 110 -32.37 -0.59 3.33
N TYR A 111 -31.12 -1.05 3.27
CA TYR A 111 -30.76 -2.17 2.41
C TYR A 111 -29.58 -2.95 2.98
N ASN A 112 -29.61 -4.25 2.79
CA ASN A 112 -28.60 -5.13 3.34
C ASN A 112 -28.37 -6.35 2.47
N LEU A 113 -27.24 -6.38 1.78
CA LEU A 113 -26.87 -7.53 0.92
C LEU A 113 -26.87 -8.86 1.67
N ASN A 114 -26.67 -8.80 2.99
CA ASN A 114 -26.56 -10.03 3.80
C ASN A 114 -27.88 -10.71 4.20
N ILE A 115 -29.01 -10.22 3.71
CA ILE A 115 -30.29 -10.90 3.97
C ILE A 115 -30.97 -11.41 2.68
N ILE A 116 -30.19 -11.46 1.61
CA ILE A 116 -30.66 -11.86 0.29
C ILE A 116 -30.30 -13.31 0.08
N ASP A 117 -31.29 -14.12 -0.32
CA ASP A 117 -31.06 -15.55 -0.51
C ASP A 117 -30.09 -15.77 -1.64
N GLY A 118 -29.14 -16.66 -1.40
CA GLY A 118 -28.16 -17.07 -2.41
C GLY A 118 -26.97 -16.14 -2.59
N VAL A 119 -26.99 -14.99 -1.92
CA VAL A 119 -25.93 -13.99 -2.02
C VAL A 119 -25.11 -13.99 -0.75
N ILE A 120 -23.79 -13.91 -0.92
CA ILE A 120 -22.88 -13.66 0.21
C ILE A 120 -22.08 -12.39 -0.07
N PRO A 121 -22.35 -11.32 0.70
CA PRO A 121 -21.51 -10.14 0.63
C PRO A 121 -20.17 -10.42 1.30
N TRP A 122 -19.11 -9.82 0.78
CA TRP A 122 -17.79 -10.17 1.24
C TRP A 122 -16.86 -8.97 1.21
N ASN A 123 -16.03 -8.85 2.23
CA ASN A 123 -14.91 -7.92 2.23
C ASN A 123 -13.67 -8.72 1.93
N TYR A 124 -12.95 -8.37 0.87
CA TYR A 124 -11.74 -9.11 0.53
C TYR A 124 -10.73 -9.07 1.69
N TYR A 125 -10.29 -7.88 2.06
CA TYR A 125 -9.56 -7.71 3.31
C TYR A 125 -10.57 -7.61 4.45
N LEU A 126 -10.28 -8.25 5.58
CA LEU A 126 -11.28 -8.43 6.65
C LEU A 126 -11.33 -7.31 7.69
N SER A 127 -10.31 -6.44 7.66
CA SER A 127 -10.24 -5.29 8.52
C SER A 127 -9.39 -4.24 7.86
N CYS A 128 -9.57 -3.01 8.31
CA CYS A 128 -8.64 -1.93 7.98
C CYS A 128 -8.37 -1.11 9.22
N LYS A 129 -7.26 -0.38 9.17
CA LYS A 129 -6.94 0.61 10.19
C LYS A 129 -7.97 1.72 10.13
N LEU A 130 -8.42 2.15 11.31
CA LEU A 130 -9.47 3.14 11.43
C LEU A 130 -9.19 4.35 10.58
N GLY A 131 -10.09 4.64 9.64
CA GLY A 131 -9.96 5.77 8.72
C GLY A 131 -9.09 5.52 7.49
N GLU A 132 -8.51 4.33 7.36
CA GLU A 132 -7.52 4.13 6.30
C GLU A 132 -7.81 2.91 5.44
N THR A 133 -8.23 3.14 4.20
CA THR A 133 -8.68 2.08 3.32
C THR A 133 -7.50 1.28 2.82
N LYS A 134 -7.68 -0.02 2.73
CA LYS A 134 -6.65 -0.93 2.28
C LYS A 134 -5.38 -0.90 3.15
N SER A 135 -5.49 -0.35 4.35
CA SER A 135 -4.33 -0.20 5.22
C SER A 135 -3.83 -1.55 5.77
N HIS A 136 -4.67 -2.59 5.77
CA HIS A 136 -4.26 -3.88 6.34
C HIS A 136 -4.04 -4.95 5.28
N ALA A 137 -3.91 -4.52 4.03
CA ALA A 137 -3.75 -5.46 2.93
C ALA A 137 -2.64 -6.48 3.14
N ILE A 138 -1.52 -6.06 3.73
CA ILE A 138 -0.39 -6.99 3.89
C ILE A 138 -0.61 -8.03 4.98
N TYR A 139 -1.54 -7.76 5.89
CA TYR A 139 -1.82 -8.69 6.97
C TYR A 139 -2.79 -9.78 6.54
N TRP A 140 -3.78 -9.38 5.73
CA TRP A 140 -4.82 -10.27 5.24
C TRP A 140 -4.42 -11.01 3.98
N ASP A 141 -3.50 -10.42 3.23
CA ASP A 141 -2.95 -10.99 1.98
C ASP A 141 -3.24 -12.47 1.66
N LYS A 142 -2.57 -13.40 2.33
CA LYS A 142 -2.80 -14.84 2.06
C LYS A 142 -4.14 -15.36 2.58
N ILE A 143 -4.64 -14.76 3.67
CA ILE A 143 -5.94 -15.13 4.22
C ILE A 143 -7.06 -14.73 3.25
N SER A 144 -7.02 -13.48 2.81
CA SER A 144 -7.96 -12.99 1.80
C SER A 144 -8.01 -13.91 0.60
N LYS A 145 -6.84 -14.37 0.17
CA LYS A 145 -6.74 -15.27 -0.97
C LYS A 145 -7.36 -16.64 -0.66
N LEU A 146 -6.95 -17.20 0.47
CA LEU A 146 -7.45 -18.49 0.91
C LEU A 146 -8.98 -18.56 0.91
N LEU A 147 -9.59 -17.51 1.47
CA LEU A 147 -11.03 -17.45 1.66
C LEU A 147 -11.80 -17.24 0.36
N LEU A 148 -11.30 -16.35 -0.50
CA LEU A 148 -11.97 -16.07 -1.76
C LEU A 148 -11.95 -17.27 -2.67
N GLN A 149 -10.87 -18.06 -2.59
CA GLN A 149 -10.79 -19.30 -3.35
C GLN A 149 -11.81 -20.29 -2.86
N HIS A 150 -12.02 -20.28 -1.55
CA HIS A 150 -12.98 -21.16 -0.95
C HIS A 150 -14.40 -20.78 -1.31
N ILE A 151 -14.71 -19.49 -1.23
CA ILE A 151 -16.01 -19.00 -1.61
C ILE A 151 -16.29 -19.35 -3.08
N THR A 152 -15.28 -19.15 -3.93
CA THR A 152 -15.37 -19.48 -5.37
C THR A 152 -15.60 -20.97 -5.67
N LYS A 153 -15.29 -21.86 -4.75
CA LYS A 153 -15.69 -23.26 -4.93
C LYS A 153 -17.22 -23.49 -4.81
N HIS A 154 -17.95 -22.51 -4.25
CA HIS A 154 -19.39 -22.67 -3.96
C HIS A 154 -20.30 -21.79 -4.82
N VAL A 155 -19.91 -20.55 -5.02
CA VAL A 155 -20.67 -19.64 -5.86
C VAL A 155 -20.35 -19.89 -7.34
N SER A 156 -21.27 -19.49 -8.21
CA SER A 156 -21.07 -19.59 -9.66
C SER A 156 -20.95 -18.21 -10.33
N VAL A 157 -21.16 -17.15 -9.56
CA VAL A 157 -20.80 -15.81 -10.01
C VAL A 157 -20.16 -15.02 -8.89
N LEU A 158 -18.99 -14.46 -9.15
CA LEU A 158 -18.34 -13.53 -8.27
C LEU A 158 -18.49 -12.14 -8.87
N TYR A 159 -19.14 -11.24 -8.14
CA TYR A 159 -19.31 -9.86 -8.59
C TYR A 159 -18.42 -9.03 -7.70
N CYS A 160 -17.56 -8.24 -8.32
CA CYS A 160 -16.51 -7.49 -7.63
C CYS A 160 -16.70 -6.02 -7.90
N LEU A 161 -16.75 -5.23 -6.83
CA LEU A 161 -16.91 -3.78 -6.94
C LEU A 161 -15.59 -3.01 -6.74
N GLY A 162 -15.13 -2.37 -7.81
CA GLY A 162 -13.86 -1.64 -7.82
C GLY A 162 -13.03 -2.09 -9.01
N LYS A 163 -13.06 -1.31 -10.09
CA LYS A 163 -12.37 -1.64 -11.33
C LYS A 163 -10.89 -1.80 -11.09
N THR A 164 -10.29 -0.80 -10.46
CA THR A 164 -8.85 -0.77 -10.22
C THR A 164 -8.35 -1.96 -9.41
N ASP A 165 -8.99 -2.21 -8.27
CA ASP A 165 -8.48 -3.19 -7.30
C ASP A 165 -8.67 -4.61 -7.79
N PHE A 166 -9.81 -4.87 -8.41
CA PHE A 166 -10.18 -6.19 -8.88
C PHE A 166 -9.93 -6.39 -10.37
N SER A 167 -9.26 -5.42 -11.01
CA SER A 167 -8.92 -5.51 -12.45
C SER A 167 -8.31 -6.86 -12.83
N ASN A 168 -7.49 -7.40 -11.94
CA ASN A 168 -6.78 -8.66 -12.17
C ASN A 168 -7.08 -9.67 -11.06
N ILE A 169 -8.33 -9.72 -10.63
CA ILE A 169 -8.71 -10.60 -9.51
C ILE A 169 -8.55 -12.07 -9.89
N ARG A 170 -8.70 -12.37 -11.18
CA ARG A 170 -8.53 -13.73 -11.73
C ARG A 170 -7.21 -14.38 -11.33
N ALA A 171 -6.17 -13.55 -11.26
CA ALA A 171 -4.86 -13.98 -10.81
C ALA A 171 -4.81 -14.60 -9.40
N LYS A 172 -5.84 -14.42 -8.60
CA LYS A 172 -5.89 -15.02 -7.25
C LYS A 172 -6.70 -16.29 -7.21
N LEU A 173 -7.36 -16.64 -8.32
CA LEU A 173 -8.33 -17.74 -8.36
C LEU A 173 -7.79 -18.99 -9.01
N GLU A 174 -8.31 -20.14 -8.59
CA GLU A 174 -7.84 -21.45 -9.06
C GLU A 174 -8.86 -22.12 -9.99
N SER A 175 -9.83 -21.34 -10.46
CA SER A 175 -10.84 -21.85 -11.40
C SER A 175 -11.30 -20.70 -12.27
N PRO A 176 -12.00 -21.00 -13.40
CA PRO A 176 -12.49 -19.97 -14.32
C PRO A 176 -13.93 -19.49 -14.01
N VAL A 177 -14.24 -19.39 -12.72
CA VAL A 177 -15.52 -18.89 -12.24
C VAL A 177 -15.93 -17.59 -12.94
N THR A 178 -17.23 -17.47 -13.21
CA THR A 178 -17.76 -16.27 -13.88
C THR A 178 -17.55 -15.08 -13.00
N THR A 179 -16.91 -14.06 -13.54
CA THR A 179 -16.54 -12.92 -12.70
C THR A 179 -16.82 -11.61 -13.41
N ILE A 180 -17.68 -10.82 -12.78
CA ILE A 180 -17.94 -9.47 -13.22
C ILE A 180 -17.12 -8.55 -12.36
N VAL A 181 -16.49 -7.57 -12.97
CA VAL A 181 -15.75 -6.54 -12.25
C VAL A 181 -16.40 -5.20 -12.54
N GLY A 182 -17.26 -4.78 -11.63
CA GLY A 182 -17.93 -3.49 -11.76
C GLY A 182 -17.16 -2.33 -11.15
N TYR A 183 -17.79 -1.18 -11.16
CA TYR A 183 -17.22 0.01 -10.53
C TYR A 183 -17.42 -0.06 -9.03
N HIS A 184 -16.59 0.69 -8.32
CA HIS A 184 -16.81 0.90 -6.89
C HIS A 184 -18.04 1.83 -6.74
N PRO A 185 -18.85 1.66 -5.68
CA PRO A 185 -20.01 2.52 -5.47
C PRO A 185 -19.65 4.03 -5.20
N ALA A 186 -19.22 4.73 -6.24
CA ALA A 186 -18.78 6.13 -6.09
C ALA A 186 -19.00 6.93 -7.37
N PHE A 192 -24.91 3.95 -13.09
CA PHE A 192 -25.82 3.42 -14.11
C PHE A 192 -25.30 2.20 -14.90
N GLU A 193 -24.00 1.91 -14.81
CA GLU A 193 -23.48 0.62 -15.27
C GLU A 193 -23.66 -0.41 -14.18
N LYS A 194 -23.82 0.06 -12.95
CA LYS A 194 -24.02 -0.84 -11.84
C LYS A 194 -25.34 -1.59 -11.99
N ASP A 195 -26.38 -0.90 -12.43
CA ASP A 195 -27.68 -1.55 -12.72
C ASP A 195 -27.44 -2.74 -13.63
N ARG A 196 -26.78 -2.47 -14.75
CA ARG A 196 -26.48 -3.50 -15.74
C ARG A 196 -25.74 -4.70 -15.14
N SER A 197 -24.93 -4.47 -14.10
CA SER A 197 -24.20 -5.55 -13.44
C SER A 197 -25.11 -6.48 -12.64
N PHE A 198 -26.05 -5.93 -11.87
CA PHE A 198 -26.96 -6.74 -11.05
C PHE A 198 -27.93 -7.58 -11.90
N GLU A 199 -28.28 -7.08 -13.09
CA GLU A 199 -29.22 -7.79 -13.94
C GLU A 199 -28.49 -8.83 -14.79
N ILE A 200 -27.32 -8.49 -15.32
CA ILE A 200 -26.52 -9.48 -16.05
C ILE A 200 -26.24 -10.71 -15.20
N ILE A 201 -26.05 -10.53 -13.90
CA ILE A 201 -25.83 -11.66 -12.98
C ILE A 201 -26.97 -12.66 -13.10
N ASN A 202 -28.20 -12.19 -13.09
CA ASN A 202 -29.36 -13.07 -13.23
C ASN A 202 -29.46 -13.70 -14.61
N VAL A 203 -29.16 -12.92 -15.64
CA VAL A 203 -29.07 -13.45 -17.01
C VAL A 203 -28.12 -14.64 -17.02
N LEU A 204 -26.91 -14.42 -16.52
CA LEU A 204 -25.86 -15.43 -16.48
C LEU A 204 -26.31 -16.63 -15.66
N LEU A 205 -26.99 -16.38 -14.56
CA LEU A 205 -27.42 -17.46 -13.68
C LEU A 205 -28.39 -18.38 -14.38
N GLU A 206 -29.24 -17.81 -15.23
CA GLU A 206 -30.29 -18.58 -15.92
C GLU A 206 -29.71 -19.34 -17.10
N LEU A 207 -28.93 -18.65 -17.92
CA LEU A 207 -28.14 -19.30 -18.99
C LEU A 207 -27.42 -20.53 -18.48
N ASP A 208 -26.90 -20.43 -17.26
CA ASP A 208 -26.17 -21.52 -16.60
C ASP A 208 -27.11 -22.50 -15.86
N ASN A 209 -28.43 -22.32 -16.04
CA ASN A 209 -29.48 -23.13 -15.40
C ASN A 209 -29.54 -23.08 -13.87
N LYS A 210 -29.66 -21.86 -13.35
CA LYS A 210 -29.68 -21.62 -11.90
C LYS A 210 -30.74 -20.60 -11.55
N ALA A 211 -31.21 -20.63 -10.32
CA ALA A 211 -32.19 -19.65 -9.84
C ALA A 211 -31.56 -18.27 -9.81
N PRO A 212 -32.32 -17.25 -10.23
CA PRO A 212 -31.80 -15.89 -10.16
C PRO A 212 -31.83 -15.34 -8.74
N ILE A 213 -31.31 -14.13 -8.58
CA ILE A 213 -31.29 -13.45 -7.30
C ILE A 213 -32.46 -12.46 -7.21
N ASN A 214 -33.22 -12.57 -6.12
CA ASN A 214 -34.25 -11.63 -5.76
C ASN A 214 -33.63 -10.47 -4.98
N TRP A 215 -33.10 -9.50 -5.70
CA TRP A 215 -32.37 -8.39 -5.07
C TRP A 215 -33.26 -7.50 -4.20
N ALA A 216 -34.57 -7.59 -4.40
CA ALA A 216 -35.54 -6.88 -3.55
C ALA A 216 -35.58 -7.42 -2.11
N GLN A 217 -35.06 -8.63 -1.90
CA GLN A 217 -34.93 -9.22 -0.56
C GLN A 217 -34.05 -8.42 0.37
N GLY A 218 -33.17 -7.58 -0.15
CA GLY A 218 -32.24 -6.85 0.67
C GLY A 218 -32.89 -5.68 1.37
N PHE A 219 -34.01 -5.21 0.80
CA PHE A 219 -34.69 -4.01 1.30
C PHE A 219 -35.18 -4.13 2.74
N ILE A 220 -35.00 -3.04 3.47
CA ILE A 220 -35.48 -2.89 4.82
C ILE A 220 -36.57 -1.83 4.79
N TYR A 221 -37.70 -2.14 5.44
CA TYR A 221 -38.90 -1.31 5.34
C TYR A 221 -39.34 -0.76 6.71
N MET B 4 33.81 7.80 12.30
CA MET B 4 32.47 7.13 12.17
C MET B 4 32.21 6.07 13.21
N ASN B 5 30.96 6.00 13.63
CA ASN B 5 30.55 5.12 14.72
C ASN B 5 29.82 3.91 14.18
N SER B 6 29.31 3.07 15.10
CA SER B 6 28.56 1.88 14.74
C SER B 6 27.63 1.51 15.88
N VAL B 7 26.46 0.98 15.54
CA VAL B 7 25.54 0.45 16.56
C VAL B 7 25.15 -0.97 16.23
N THR B 8 24.62 -1.67 17.23
CA THR B 8 24.15 -3.02 17.04
C THR B 8 22.63 -3.02 16.96
N VAL B 9 22.13 -3.82 16.02
CA VAL B 9 20.70 -4.16 15.94
C VAL B 9 20.49 -5.68 15.98
N SER B 10 19.29 -6.06 16.43
CA SER B 10 18.96 -7.46 16.72
C SER B 10 19.00 -8.37 15.49
N HIS B 11 18.45 -7.90 14.37
CA HIS B 11 18.41 -8.70 13.13
C HIS B 11 19.39 -8.15 12.11
N ALA B 12 19.44 -8.78 10.94
CA ALA B 12 20.35 -8.33 9.88
C ALA B 12 20.08 -6.88 9.53
N PRO B 13 21.11 -6.07 9.25
CA PRO B 13 22.51 -6.51 9.12
C PRO B 13 23.36 -6.45 10.40
N TYR B 14 22.71 -6.43 11.57
CA TYR B 14 23.37 -6.65 12.89
C TYR B 14 24.18 -5.47 13.36
N THR B 15 25.02 -4.97 12.47
CA THR B 15 25.85 -3.81 12.72
C THR B 15 25.43 -2.70 11.77
N ILE B 16 25.14 -1.51 12.30
CA ILE B 16 24.89 -0.34 11.46
C ILE B 16 25.97 0.70 11.69
N THR B 17 26.77 0.92 10.66
CA THR B 17 27.83 1.93 10.69
C THR B 17 27.34 3.28 10.17
N TYR B 18 27.49 4.31 10.98
CA TYR B 18 26.97 5.64 10.65
C TYR B 18 28.00 6.74 10.88
N HIS B 19 27.83 7.83 10.14
CA HIS B 19 28.63 9.05 10.32
C HIS B 19 28.08 9.90 11.49
N ASN B 20 28.99 10.51 12.24
CA ASN B 20 28.65 11.21 13.49
C ASN B 20 27.40 12.09 13.39
N ASP B 21 27.31 12.87 12.32
CA ASP B 21 26.14 13.72 12.06
C ASP B 21 24.78 13.08 12.33
N TRP B 22 24.70 11.76 12.14
CA TRP B 22 23.44 11.03 12.38
C TRP B 22 23.24 10.57 13.82
N GLU B 23 24.23 10.81 14.69
CA GLU B 23 24.17 10.35 16.07
C GLU B 23 22.82 10.63 16.70
N PRO B 24 22.38 11.91 16.69
CA PRO B 24 21.14 12.29 17.38
C PRO B 24 19.91 11.41 17.10
N VAL B 25 19.99 10.61 16.05
CA VAL B 25 18.86 9.87 15.49
C VAL B 25 18.98 8.35 15.67
N MET B 26 20.20 7.85 15.88
CA MET B 26 20.46 6.41 15.85
C MET B 26 19.74 5.61 16.94
N SER B 27 19.87 6.08 18.18
CA SER B 27 19.25 5.43 19.32
C SER B 27 17.80 5.06 18.99
N GLN B 28 17.06 5.97 18.36
CA GLN B 28 15.66 5.72 18.03
C GLN B 28 15.48 4.92 16.75
N LEU B 29 16.38 5.07 15.80
CA LEU B 29 16.39 4.24 14.59
C LEU B 29 16.51 2.75 14.95
N VAL B 30 17.31 2.48 15.97
CA VAL B 30 17.53 1.12 16.48
C VAL B 30 16.26 0.55 17.14
N GLU B 31 15.71 1.27 18.11
CA GLU B 31 14.38 0.95 18.65
C GLU B 31 13.46 0.52 17.52
N PHE B 32 13.34 1.35 16.49
CA PHE B 32 12.39 1.13 15.40
C PHE B 32 12.72 -0.07 14.53
N TYR B 33 13.98 -0.15 14.08
CA TYR B 33 14.39 -1.25 13.21
C TYR B 33 14.24 -2.61 13.88
N ASN B 34 14.51 -2.66 15.17
CA ASN B 34 14.30 -3.88 15.94
C ASN B 34 12.84 -4.33 15.98
N GLU B 35 11.91 -3.40 16.03
CA GLU B 35 10.47 -3.74 15.94
C GLU B 35 10.07 -4.33 14.60
N VAL B 36 10.72 -3.91 13.52
CA VAL B 36 10.22 -4.20 12.17
C VAL B 36 11.06 -5.18 11.35
N ALA B 37 12.38 -5.18 11.52
CA ALA B 37 13.27 -6.03 10.70
C ALA B 37 12.74 -7.46 10.56
N SER B 38 12.23 -7.98 11.66
CA SER B 38 11.67 -9.32 11.76
C SER B 38 10.88 -9.79 10.55
N TRP B 39 9.99 -8.91 10.06
CA TRP B 39 9.11 -9.19 8.92
C TRP B 39 9.79 -8.85 7.62
N LEU B 40 10.29 -7.62 7.57
CA LEU B 40 10.98 -7.06 6.40
C LEU B 40 11.92 -8.08 5.75
N LEU B 41 12.80 -8.64 6.58
CA LEU B 41 13.85 -9.58 6.16
C LEU B 41 13.34 -10.91 5.60
N ARG B 42 12.06 -11.22 5.89
CA ARG B 42 11.38 -12.38 5.32
C ARG B 42 11.16 -12.28 3.82
N ASP B 43 11.15 -11.05 3.30
CA ASP B 43 11.14 -10.84 1.87
C ASP B 43 12.57 -10.67 1.37
N GLU B 44 12.83 -11.21 0.18
CA GLU B 44 14.07 -10.95 -0.54
C GLU B 44 14.01 -9.48 -0.95
N THR B 45 15.06 -8.71 -0.69
CA THR B 45 14.97 -7.25 -0.82
C THR B 45 15.85 -6.66 -1.89
N SER B 46 15.49 -5.44 -2.29
CA SER B 46 16.43 -4.51 -2.93
C SER B 46 16.49 -3.23 -2.07
N PRO B 47 17.68 -2.79 -1.66
CA PRO B 47 18.93 -3.50 -1.86
C PRO B 47 19.08 -4.70 -0.91
N ILE B 48 20.26 -5.33 -0.87
CA ILE B 48 20.49 -6.36 0.16
C ILE B 48 20.59 -5.71 1.54
N PRO B 49 20.15 -6.41 2.59
CA PRO B 49 20.15 -5.85 3.95
C PRO B 49 21.46 -5.19 4.38
N ASP B 50 22.59 -5.77 3.99
CA ASP B 50 23.90 -5.17 4.29
C ASP B 50 24.01 -3.74 3.75
N LYS B 51 23.30 -3.46 2.66
CA LYS B 51 23.35 -2.15 2.05
C LYS B 51 22.21 -1.23 2.48
N PHE B 52 21.27 -1.68 3.31
CA PHE B 52 20.13 -0.81 3.70
C PHE B 52 20.62 0.56 4.12
N PHE B 53 21.56 0.59 5.06
CA PHE B 53 21.91 1.82 5.76
C PHE B 53 23.25 2.43 5.38
N ILE B 54 23.84 2.04 4.26
CA ILE B 54 25.20 2.54 3.92
C ILE B 54 25.24 4.06 3.65
N GLN B 55 24.08 4.64 3.34
CA GLN B 55 24.02 6.09 3.10
C GLN B 55 24.05 6.90 4.41
N LEU B 56 23.96 6.23 5.56
CA LEU B 56 24.23 6.89 6.84
C LEU B 56 25.75 7.04 7.06
N LYS B 57 26.56 6.43 6.20
CA LYS B 57 28.00 6.67 6.24
C LYS B 57 28.34 8.05 5.69
N GLN B 58 27.36 8.65 5.03
CA GLN B 58 27.47 9.98 4.44
C GLN B 58 27.32 11.12 5.47
N PRO B 59 28.24 12.12 5.43
CA PRO B 59 28.06 13.31 6.30
C PRO B 59 26.95 14.22 5.81
N LEU B 60 26.35 14.96 6.75
CA LEU B 60 25.26 15.91 6.45
C LEU B 60 25.71 17.35 6.55
N ARG B 61 26.64 17.60 7.49
CA ARG B 61 27.22 18.92 7.72
C ARG B 61 27.51 19.69 6.43
N ASN B 62 28.01 18.99 5.42
CA ASN B 62 28.38 19.62 4.14
C ASN B 62 27.37 19.42 3.04
N LYS B 63 26.09 19.32 3.41
CA LYS B 63 25.04 19.10 2.43
C LYS B 63 24.04 20.24 2.50
N ARG B 64 23.61 20.72 1.33
CA ARG B 64 22.59 21.78 1.25
C ARG B 64 21.40 21.46 0.32
N VAL B 65 21.48 20.37 -0.43
CA VAL B 65 20.34 19.86 -1.19
C VAL B 65 20.16 18.40 -0.84
N CYS B 66 18.90 17.99 -0.81
CA CYS B 66 18.56 16.59 -0.77
C CYS B 66 17.67 16.28 -1.98
N VAL B 67 18.13 15.35 -2.80
CA VAL B 67 17.36 14.84 -3.92
C VAL B 67 16.77 13.50 -3.53
N CYS B 68 15.45 13.44 -3.49
CA CYS B 68 14.76 12.37 -2.83
C CYS B 68 13.80 11.67 -3.74
N GLY B 69 13.90 10.35 -3.73
CA GLY B 69 12.91 9.48 -4.38
C GLY B 69 12.26 8.58 -3.35
N ILE B 70 11.19 7.91 -3.76
CA ILE B 70 10.34 7.24 -2.79
C ILE B 70 10.97 6.02 -2.11
N ASP B 71 11.65 5.18 -2.89
CA ASP B 71 12.25 3.96 -2.36
C ASP B 71 13.26 3.43 -3.36
N PRO B 72 14.04 2.39 -2.99
CA PRO B 72 15.02 1.93 -3.96
C PRO B 72 14.44 1.40 -5.28
N TYR B 73 15.33 1.07 -6.21
CA TYR B 73 14.96 0.51 -7.49
C TYR B 73 14.38 -0.86 -7.15
N PRO B 74 13.31 -1.27 -7.85
CA PRO B 74 12.72 -2.57 -7.53
C PRO B 74 13.74 -3.68 -7.47
N LYS B 75 14.67 -3.67 -8.43
CA LYS B 75 15.74 -4.65 -8.48
C LYS B 75 17.09 -3.94 -8.65
N ASP B 76 18.11 -4.48 -8.00
CA ASP B 76 19.51 -4.02 -8.15
C ASP B 76 19.89 -2.78 -7.34
N GLY B 77 19.09 -2.42 -6.35
CA GLY B 77 19.45 -1.34 -5.45
C GLY B 77 20.82 -1.60 -4.84
N THR B 78 21.63 -0.55 -4.76
CA THR B 78 22.99 -0.65 -4.23
C THR B 78 23.13 -0.12 -2.80
N GLY B 79 22.06 0.51 -2.31
CA GLY B 79 22.10 1.15 -0.99
C GLY B 79 22.39 2.63 -1.10
N VAL B 80 22.96 3.04 -2.24
CA VAL B 80 23.13 4.44 -2.59
C VAL B 80 21.96 4.86 -3.49
N PRO B 81 21.11 5.76 -3.01
CA PRO B 81 19.96 6.17 -3.82
C PRO B 81 20.36 6.65 -5.21
N PHE B 82 19.61 6.19 -6.19
CA PHE B 82 19.69 6.58 -7.60
C PHE B 82 20.85 5.94 -8.39
N GLU B 83 21.86 5.44 -7.68
CA GLU B 83 23.05 4.85 -8.29
C GLU B 83 22.75 3.62 -9.14
N SER B 84 23.12 3.70 -10.42
CA SER B 84 23.17 2.54 -11.33
C SER B 84 24.59 2.42 -11.91
N PRO B 85 25.45 1.62 -11.27
CA PRO B 85 26.86 1.46 -11.68
C PRO B 85 27.08 1.15 -13.16
N ASN B 86 26.26 0.27 -13.73
CA ASN B 86 26.31 -0.01 -15.16
C ASN B 86 25.43 0.95 -15.99
N PHE B 87 24.96 2.03 -15.37
CA PHE B 87 24.15 3.02 -16.05
C PHE B 87 23.05 2.41 -16.92
N THR B 88 22.23 1.55 -16.30
CA THR B 88 21.13 0.91 -17.01
C THR B 88 19.75 1.32 -16.54
N LYS B 89 19.67 2.01 -15.40
CA LYS B 89 18.37 2.32 -14.77
C LYS B 89 17.73 3.54 -15.38
N LYS B 90 16.45 3.48 -15.62
CA LYS B 90 15.77 4.54 -16.34
C LYS B 90 15.87 5.91 -15.63
N SER B 91 15.76 5.88 -14.31
CA SER B 91 15.63 7.09 -13.53
C SER B 91 16.90 7.91 -13.55
N ILE B 92 18.03 7.26 -13.32
CA ILE B 92 19.32 7.98 -13.32
C ILE B 92 19.72 8.43 -14.73
N LYS B 93 19.31 7.67 -15.74
CA LYS B 93 19.59 8.03 -17.12
C LYS B 93 18.85 9.28 -17.53
N GLU B 94 17.60 9.40 -17.10
CA GLU B 94 16.79 10.57 -17.39
C GLU B 94 17.30 11.79 -16.65
N ILE B 95 17.65 11.60 -15.39
CA ILE B 95 18.29 12.66 -14.61
C ILE B 95 19.50 13.17 -15.37
N ALA B 96 20.26 12.24 -15.94
CA ALA B 96 21.51 12.56 -16.65
C ALA B 96 21.26 13.31 -17.97
N SER B 97 20.25 12.92 -18.72
CA SER B 97 19.86 13.69 -19.90
C SER B 97 19.49 15.10 -19.48
N SER B 98 18.76 15.21 -18.38
CA SER B 98 18.35 16.50 -17.90
C SER B 98 19.59 17.34 -17.64
N ILE B 99 20.50 16.82 -16.82
CA ILE B 99 21.70 17.55 -16.46
C ILE B 99 22.55 17.82 -17.70
N SER B 100 22.55 16.90 -18.65
CA SER B 100 23.25 17.11 -19.91
C SER B 100 22.78 18.39 -20.57
N ARG B 101 21.47 18.55 -20.67
CA ARG B 101 20.89 19.68 -21.40
C ARG B 101 21.10 21.02 -20.68
N LEU B 102 21.09 21.01 -19.36
CA LEU B 102 21.41 22.25 -18.62
C LEU B 102 22.87 22.61 -18.80
N THR B 103 23.76 21.68 -18.50
CA THR B 103 25.19 21.97 -18.49
C THR B 103 25.79 22.04 -19.88
N GLY B 104 25.19 21.33 -20.83
CA GLY B 104 25.76 21.20 -22.16
C GLY B 104 26.66 19.99 -22.35
N VAL B 105 27.07 19.34 -21.27
CA VAL B 105 27.92 18.15 -21.38
C VAL B 105 27.16 16.99 -22.05
N ILE B 106 27.62 16.55 -23.21
CA ILE B 106 26.89 15.52 -23.98
C ILE B 106 27.65 14.21 -24.18
N ASP B 107 28.93 14.18 -23.81
CA ASP B 107 29.71 12.97 -23.97
C ASP B 107 30.13 12.46 -22.61
N TYR B 108 29.24 11.69 -21.99
CA TYR B 108 29.50 11.08 -20.70
C TYR B 108 29.22 9.59 -20.78
N LYS B 109 29.57 8.86 -19.73
CA LYS B 109 29.37 7.41 -19.70
C LYS B 109 28.32 7.01 -18.68
N GLY B 110 28.30 7.72 -17.57
CA GLY B 110 27.27 7.48 -16.56
C GLY B 110 27.06 8.69 -15.69
N TYR B 111 26.24 8.53 -14.66
CA TYR B 111 25.89 9.63 -13.76
C TYR B 111 25.54 9.12 -12.37
N ASN B 112 25.94 9.89 -11.37
CA ASN B 112 25.76 9.50 -10.00
C ASN B 112 25.56 10.69 -9.09
N LEU B 113 24.33 10.86 -8.62
CA LEU B 113 24.00 11.97 -7.70
C LEU B 113 24.86 11.97 -6.44
N ASN B 114 25.39 10.80 -6.06
CA ASN B 114 26.16 10.68 -4.82
C ASN B 114 27.62 11.15 -4.86
N ILE B 115 28.07 11.71 -5.97
CA ILE B 115 29.45 12.24 -6.05
C ILE B 115 29.48 13.75 -6.31
N ILE B 116 28.32 14.38 -6.10
CA ILE B 116 28.13 15.81 -6.33
C ILE B 116 28.24 16.53 -5.00
N ASP B 117 29.08 17.57 -4.96
CA ASP B 117 29.33 18.28 -3.71
C ASP B 117 28.05 18.98 -3.27
N GLY B 118 27.75 18.85 -1.98
CA GLY B 118 26.61 19.53 -1.36
C GLY B 118 25.27 18.83 -1.52
N VAL B 119 25.23 17.76 -2.32
CA VAL B 119 24.01 17.03 -2.60
C VAL B 119 24.04 15.72 -1.85
N ILE B 120 22.91 15.37 -1.26
CA ILE B 120 22.70 14.02 -0.73
C ILE B 120 21.51 13.38 -1.42
N PRO B 121 21.75 12.34 -2.23
CA PRO B 121 20.64 11.57 -2.77
C PRO B 121 20.04 10.69 -1.67
N TRP B 122 18.73 10.49 -1.72
CA TRP B 122 18.05 9.81 -0.64
C TRP B 122 16.89 8.96 -1.13
N ASN B 123 16.75 7.78 -0.54
CA ASN B 123 15.54 6.97 -0.72
C ASN B 123 14.70 7.14 0.51
N TYR B 124 13.47 7.62 0.35
CA TYR B 124 12.60 7.81 1.51
C TYR B 124 12.42 6.52 2.30
N TYR B 125 11.85 5.50 1.65
CA TYR B 125 11.88 4.14 2.19
C TYR B 125 13.23 3.52 1.83
N LEU B 126 13.82 2.79 2.78
CA LEU B 126 15.20 2.35 2.64
C LEU B 126 15.39 1.00 1.94
N SER B 127 14.29 0.28 1.76
CA SER B 127 14.28 -0.99 1.05
C SER B 127 12.92 -1.23 0.48
N CYS B 128 12.85 -2.11 -0.51
CA CYS B 128 11.58 -2.64 -0.96
C CYS B 128 11.72 -4.14 -1.20
N LYS B 129 10.58 -4.81 -1.22
CA LYS B 129 10.51 -6.20 -1.63
C LYS B 129 10.89 -6.30 -3.09
N LEU B 130 11.71 -7.30 -3.41
CA LEU B 130 12.24 -7.49 -4.75
C LEU B 130 11.12 -7.44 -5.79
N GLY B 131 11.22 -6.50 -6.72
CA GLY B 131 10.24 -6.32 -7.77
C GLY B 131 9.00 -5.52 -7.39
N GLU B 132 8.90 -5.07 -6.15
CA GLU B 132 7.66 -4.44 -5.71
C GLU B 132 7.89 -3.08 -5.07
N THR B 133 7.47 -2.02 -5.77
CA THR B 133 7.73 -0.65 -5.35
C THR B 133 6.84 -0.29 -4.19
N LYS B 134 7.40 0.45 -3.24
CA LYS B 134 6.69 0.89 -2.06
C LYS B 134 6.16 -0.27 -1.20
N SER B 135 6.68 -1.48 -1.43
CA SER B 135 6.18 -2.66 -0.74
C SER B 135 6.56 -2.69 0.74
N HIS B 136 7.57 -1.92 1.15
CA HIS B 136 7.98 -1.91 2.55
C HIS B 136 7.64 -0.63 3.29
N ALA B 137 6.75 0.16 2.71
CA ALA B 137 6.37 1.44 3.29
C ALA B 137 5.95 1.36 4.77
N ILE B 138 5.23 0.31 5.15
CA ILE B 138 4.77 0.21 6.53
C ILE B 138 5.90 -0.12 7.52
N TYR B 139 7.00 -0.67 7.04
CA TYR B 139 8.12 -1.03 7.92
C TYR B 139 9.00 0.16 8.19
N TRP B 140 9.23 0.96 7.15
CA TRP B 140 10.11 2.12 7.22
C TRP B 140 9.40 3.36 7.73
N ASP B 141 8.08 3.40 7.55
CA ASP B 141 7.19 4.47 8.01
C ASP B 141 7.80 5.51 9.00
N LYS B 142 7.96 5.16 10.28
CA LYS B 142 8.50 6.12 11.26
C LYS B 142 10.00 6.42 11.11
N ILE B 143 10.73 5.43 10.61
CA ILE B 143 12.17 5.58 10.35
C ILE B 143 12.39 6.57 9.22
N SER B 144 11.68 6.35 8.11
CA SER B 144 11.71 7.25 6.97
C SER B 144 11.44 8.68 7.40
N LYS B 145 10.47 8.85 8.29
CA LYS B 145 10.13 10.16 8.82
C LYS B 145 11.24 10.74 9.68
N LEU B 146 11.72 9.94 10.63
CA LEU B 146 12.80 10.35 11.53
C LEU B 146 14.01 10.89 10.78
N LEU B 147 14.39 10.17 9.73
CA LEU B 147 15.60 10.48 8.97
C LEU B 147 15.44 11.70 8.07
N LEU B 148 14.30 11.82 7.41
CA LEU B 148 14.05 12.96 6.52
C LEU B 148 13.99 14.26 7.31
N GLN B 149 13.47 14.19 8.53
CA GLN B 149 13.44 15.35 9.40
C GLN B 149 14.84 15.75 9.79
N HIS B 150 15.69 14.74 9.98
CA HIS B 150 17.06 14.97 10.34
C HIS B 150 17.84 15.59 9.19
N ILE B 151 17.65 15.05 8.00
CA ILE B 151 18.30 15.58 6.83
C ILE B 151 17.88 17.04 6.63
N THR B 152 16.59 17.29 6.80
CA THR B 152 16.01 18.63 6.70
C THR B 152 16.59 19.66 7.68
N LYS B 153 17.14 19.21 8.79
CA LYS B 153 17.86 20.12 9.70
C LYS B 153 19.17 20.63 9.12
N HIS B 154 19.66 20.00 8.05
CA HIS B 154 20.98 20.33 7.47
C HIS B 154 20.91 20.95 6.06
N VAL B 155 20.06 20.41 5.21
CA VAL B 155 19.89 20.94 3.86
C VAL B 155 18.94 22.14 3.86
N SER B 156 19.05 22.99 2.84
CA SER B 156 18.19 24.15 2.70
C SER B 156 17.28 24.04 1.49
N VAL B 157 17.45 23.00 0.70
CA VAL B 157 16.47 22.62 -0.31
C VAL B 157 16.29 21.12 -0.34
N LEU B 158 15.04 20.68 -0.25
CA LEU B 158 14.67 19.29 -0.47
C LEU B 158 13.98 19.20 -1.82
N TYR B 159 14.55 18.42 -2.73
CA TYR B 159 13.95 18.22 -4.04
C TYR B 159 13.45 16.80 -4.05
N CYS B 160 12.18 16.65 -4.41
CA CYS B 160 11.48 15.38 -4.30
C CYS B 160 10.96 14.98 -5.66
N LEU B 161 11.29 13.76 -6.09
CA LEU B 161 10.83 13.24 -7.39
C LEU B 161 9.64 12.28 -7.25
N GLY B 162 8.48 12.69 -7.77
CA GLY B 162 7.24 11.92 -7.68
C GLY B 162 6.14 12.82 -7.16
N LYS B 163 5.31 13.35 -8.08
CA LYS B 163 4.24 14.27 -7.73
C LYS B 163 3.28 13.64 -6.75
N THR B 164 2.79 12.46 -7.11
CA THR B 164 1.80 11.77 -6.30
C THR B 164 2.25 11.47 -4.88
N ASP B 165 3.44 10.88 -4.75
CA ASP B 165 3.91 10.35 -3.45
C ASP B 165 4.30 11.48 -2.51
N PHE B 166 4.94 12.51 -3.06
CA PHE B 166 5.44 13.62 -2.27
C PHE B 166 4.52 14.84 -2.32
N SER B 167 3.33 14.68 -2.90
CA SER B 167 2.34 15.76 -3.00
C SER B 167 2.11 16.46 -1.67
N ASN B 168 2.14 15.69 -0.59
CA ASN B 168 1.92 16.20 0.77
C ASN B 168 3.09 15.88 1.69
N ILE B 169 4.31 16.01 1.17
CA ILE B 169 5.51 15.64 1.95
C ILE B 169 5.69 16.58 3.14
N ARG B 170 5.23 17.81 3.00
CA ARG B 170 5.30 18.82 4.07
C ARG B 170 4.72 18.32 5.39
N ALA B 171 3.67 17.52 5.28
CA ALA B 171 3.03 16.88 6.44
C ALA B 171 3.94 16.01 7.29
N LYS B 172 5.12 15.65 6.80
CA LYS B 172 6.08 14.86 7.57
C LYS B 172 7.19 15.71 8.19
N LEU B 173 7.21 17.00 7.87
CA LEU B 173 8.32 17.88 8.25
C LEU B 173 8.00 18.84 9.40
N GLU B 174 9.02 19.20 10.16
CA GLU B 174 8.88 20.00 11.37
C GLU B 174 9.39 21.43 11.16
N SER B 175 9.63 21.78 9.90
CA SER B 175 10.08 23.12 9.56
C SER B 175 9.57 23.47 8.16
N PRO B 176 9.65 24.76 7.77
CA PRO B 176 9.19 25.20 6.45
C PRO B 176 10.29 25.21 5.39
N VAL B 177 11.18 24.22 5.45
CA VAL B 177 12.25 24.04 4.47
C VAL B 177 11.76 24.17 3.04
N THR B 178 12.58 24.78 2.19
CA THR B 178 12.24 24.95 0.77
C THR B 178 12.11 23.60 0.11
N THR B 179 10.98 23.35 -0.52
CA THR B 179 10.73 22.02 -1.05
C THR B 179 10.11 22.06 -2.42
N ILE B 180 10.82 21.49 -3.37
CA ILE B 180 10.32 21.34 -4.72
C ILE B 180 9.81 19.93 -4.83
N VAL B 181 8.65 19.78 -5.45
CA VAL B 181 8.12 18.46 -5.74
C VAL B 181 7.99 18.30 -7.25
N GLY B 182 8.99 17.67 -7.85
CA GLY B 182 8.97 17.39 -9.28
C GLY B 182 8.27 16.10 -9.67
N TYR B 183 8.34 15.78 -10.95
CA TYR B 183 7.81 14.53 -11.47
C TYR B 183 8.78 13.41 -11.16
N HIS B 184 8.24 12.20 -11.16
CA HIS B 184 9.06 11.00 -11.13
C HIS B 184 9.79 10.97 -12.47
N PRO B 185 11.08 10.60 -12.46
CA PRO B 185 11.83 10.63 -13.71
C PRO B 185 11.34 9.53 -14.63
N ALA B 186 10.19 9.75 -15.27
CA ALA B 186 9.50 8.78 -16.09
C ALA B 186 8.06 9.21 -16.22
N PHE B 192 10.13 16.78 -19.65
CA PHE B 192 10.80 17.84 -20.35
C PHE B 192 10.92 19.09 -19.52
N GLU B 193 10.44 19.05 -18.29
CA GLU B 193 10.51 20.22 -17.44
C GLU B 193 10.97 19.87 -16.03
N LYS B 194 11.66 18.76 -15.95
CA LYS B 194 12.60 18.40 -14.86
C LYS B 194 13.84 19.28 -14.86
N ASP B 195 14.23 19.69 -16.07
CA ASP B 195 15.32 20.64 -16.25
C ASP B 195 15.09 21.86 -15.37
N ARG B 196 13.89 22.43 -15.49
CA ARG B 196 13.51 23.61 -14.71
C ARG B 196 13.66 23.41 -13.20
N SER B 197 13.49 22.18 -12.72
CA SER B 197 13.64 21.89 -11.29
C SER B 197 15.11 21.99 -10.82
N PHE B 198 16.03 21.42 -11.58
CA PHE B 198 17.45 21.44 -11.19
C PHE B 198 18.05 22.85 -11.22
N GLU B 199 17.51 23.70 -12.07
CA GLU B 199 17.99 25.05 -12.24
C GLU B 199 17.42 25.95 -11.18
N ILE B 200 16.12 25.83 -10.97
CA ILE B 200 15.44 26.55 -9.90
C ILE B 200 16.13 26.37 -8.54
N ILE B 201 16.61 25.16 -8.28
CA ILE B 201 17.32 24.86 -7.04
C ILE B 201 18.50 25.81 -6.86
N ASN B 202 19.28 26.00 -7.90
CA ASN B 202 20.40 26.94 -7.82
C ASN B 202 19.96 28.40 -7.68
N VAL B 203 18.92 28.78 -8.40
CA VAL B 203 18.32 30.10 -8.25
C VAL B 203 18.01 30.33 -6.77
N LEU B 204 17.25 29.40 -6.20
CA LEU B 204 16.84 29.48 -4.80
C LEU B 204 18.02 29.53 -3.87
N LEU B 205 19.03 28.73 -4.17
CA LEU B 205 20.22 28.68 -3.32
C LEU B 205 20.93 30.02 -3.24
N GLU B 206 20.93 30.75 -4.35
CA GLU B 206 21.64 32.02 -4.44
C GLU B 206 20.85 33.15 -3.80
N LEU B 207 19.57 33.25 -4.16
CA LEU B 207 18.63 34.14 -3.46
C LEU B 207 18.76 34.02 -1.94
N ASP B 208 18.96 32.79 -1.46
CA ASP B 208 19.13 32.49 -0.04
C ASP B 208 20.58 32.65 0.44
N ASN B 209 21.45 33.17 -0.43
CA ASN B 209 22.88 33.40 -0.18
C ASN B 209 23.70 32.14 0.11
N LYS B 210 23.65 31.20 -0.83
CA LYS B 210 24.36 29.92 -0.70
C LYS B 210 25.02 29.53 -2.02
N ALA B 211 26.04 28.70 -1.95
CA ALA B 211 26.71 28.19 -3.16
C ALA B 211 25.76 27.32 -3.95
N PRO B 212 25.75 27.46 -5.27
CA PRO B 212 24.91 26.61 -6.10
C PRO B 212 25.49 25.20 -6.24
N ILE B 213 24.75 24.33 -6.92
CA ILE B 213 25.16 22.96 -7.15
C ILE B 213 25.77 22.86 -8.54
N ASN B 214 26.97 22.28 -8.60
CA ASN B 214 27.61 21.90 -9.85
C ASN B 214 27.13 20.51 -10.26
N TRP B 215 25.99 20.46 -10.93
CA TRP B 215 25.37 19.19 -11.31
C TRP B 215 26.22 18.37 -12.30
N ALA B 216 27.15 19.03 -12.98
CA ALA B 216 28.10 18.34 -13.87
C ALA B 216 29.08 17.42 -13.12
N GLN B 217 29.22 17.64 -11.82
CA GLN B 217 30.03 16.78 -10.96
C GLN B 217 29.58 15.33 -10.92
N GLY B 218 28.32 15.08 -11.25
CA GLY B 218 27.78 13.73 -11.16
C GLY B 218 28.23 12.85 -12.30
N PHE B 219 28.63 13.47 -13.40
CA PHE B 219 29.01 12.75 -14.61
C PHE B 219 30.17 11.78 -14.43
N ILE B 220 30.03 10.62 -15.05
CA ILE B 220 31.08 9.61 -15.11
C ILE B 220 31.53 9.53 -16.56
N TYR B 221 32.85 9.53 -16.75
CA TYR B 221 33.44 9.64 -18.09
C TYR B 221 34.33 8.43 -18.45
C1 GOL E . -17.99 -1.89 2.00
O1 GOL E . -17.02 -2.52 1.13
C2 GOL E . -18.34 -2.78 3.20
O2 GOL E . -18.29 -4.18 2.90
C3 GOL E . -17.40 -2.59 4.37
O3 GOL E . -17.87 -3.04 5.67
C1 GOL F . -1.23 -12.96 5.84
O1 GOL F . -2.36 -13.69 6.32
C2 GOL F . -0.16 -13.90 5.33
O2 GOL F . 0.68 -13.16 4.43
C3 GOL F . 0.62 -14.51 6.50
O3 GOL F . 1.77 -13.74 6.86
C1 GOL G . -5.09 -8.51 -4.99
O1 GOL G . -4.77 -7.75 -3.82
C2 GOL G . -6.14 -7.83 -5.87
O2 GOL G . -6.84 -8.81 -6.65
C3 GOL G . -7.12 -7.09 -4.97
O3 GOL G . -6.45 -6.03 -4.30
C1 GOL H . 15.30 5.65 -6.51
O1 GOL H . 14.57 5.09 -7.61
C2 GOL H . 16.71 5.04 -6.39
O2 GOL H . 17.40 5.66 -5.32
C3 GOL H . 16.64 3.57 -6.05
O3 GOL H . 17.88 2.96 -5.61
#